data_6Y97
#
_entry.id   6Y97
#
_cell.length_a   1.00
_cell.length_b   1.00
_cell.length_c   1.00
_cell.angle_alpha   90.00
_cell.angle_beta   90.00
_cell.angle_gamma   90.00
#
_symmetry.space_group_name_H-M   'P 1'
#
loop_
_entity.id
_entity.type
_entity.pdbx_description
1 polymer 'B-lymphocyte antigen CD20'
2 polymer 'Obinutuzumab Fab heavy chain'
3 polymer 'Obinutuzumab Fab light chain'
#
loop_
_entity_poly.entity_id
_entity_poly.type
_entity_poly.pdbx_seq_one_letter_code
_entity_poly.pdbx_strand_id
1 'polypeptide(L)'
;FMRESKTLGAVQIMNGLFHIALGGLLMIPAGIYAPICVTVWYPLWGGIMYIISGSLLAATEKNSRKCLVKGKMIMNSLSL
FAAISGMILSIMDILNIKISHFLKMESLNFIRAHTPYINIYNCEPANPSEKNSPSTQYCYSIQSLFLGILSVMLIFAFFQ
ELVIAGIVE
;
A,B
2 'polypeptide(L)'
;VQLVQSGAEVKKPGSSVKVSCKASGYAFSYSWINWVRQAPGQGLEWMGRIFPGDGDTDYNGKFKGRVTITADKSTSTAYM
ELSSLRSEDTAVYYCARNVFDGYWLVYWGQGTLVTV
;
H
3 'polypeptide(L)'
;DIVMTQTPLSLPVTPGEPASISCRSSKSLLHSNGITYLYWYLQKPGQSPQLLIYQMSNLVSGVPDRFSGSGSGTDFTLKI
SRVEAEDVGVYYCAQNLELPYTFGGGTKVE
;
L
#
# COMPACT_ATOMS: atom_id res chain seq x y z
N PHE A 1 -5.24 -11.64 43.25
CA PHE A 1 -4.95 -10.76 44.38
C PHE A 1 -3.64 -11.16 45.06
N MET A 2 -2.55 -10.53 44.62
CA MET A 2 -1.21 -10.75 45.18
C MET A 2 -0.85 -12.24 45.11
N ARG A 3 -0.75 -12.75 43.88
CA ARG A 3 -0.48 -14.17 43.69
C ARG A 3 0.98 -14.50 43.97
N GLU A 4 1.89 -13.90 43.21
CA GLU A 4 3.32 -14.16 43.37
C GLU A 4 4.09 -12.86 43.20
N SER A 5 5.25 -12.78 43.86
CA SER A 5 6.09 -11.60 43.83
C SER A 5 7.30 -11.74 42.92
N LYS A 6 7.46 -12.87 42.24
CA LYS A 6 8.66 -13.10 41.44
C LYS A 6 8.36 -13.48 40.00
N THR A 7 7.31 -14.26 39.76
CA THR A 7 7.04 -14.73 38.40
C THR A 7 6.65 -13.61 37.45
N LEU A 8 6.24 -12.46 37.97
CA LEU A 8 5.90 -11.33 37.11
C LEU A 8 7.14 -10.59 36.61
N GLY A 9 8.29 -10.78 37.27
CA GLY A 9 9.49 -10.11 36.82
C GLY A 9 9.95 -10.58 35.45
N ALA A 10 9.86 -11.89 35.19
CA ALA A 10 10.19 -12.40 33.87
C ALA A 10 9.24 -11.85 32.81
N VAL A 11 7.96 -11.73 33.16
CA VAL A 11 6.99 -11.15 32.23
C VAL A 11 7.35 -9.70 31.92
N GLN A 12 7.72 -8.93 32.94
CA GLN A 12 8.11 -7.55 32.72
C GLN A 12 9.36 -7.46 31.86
N ILE A 13 10.32 -8.36 32.09
CA ILE A 13 11.53 -8.40 31.27
C ILE A 13 11.18 -8.67 29.81
N MET A 14 10.30 -9.64 29.58
CA MET A 14 9.94 -9.99 28.21
C MET A 14 9.16 -8.89 27.53
N ASN A 15 8.29 -8.18 28.27
CA ASN A 15 7.60 -7.04 27.68
C ASN A 15 8.56 -5.88 27.41
N GLY A 16 9.59 -5.72 28.24
CA GLY A 16 10.59 -4.71 27.94
C GLY A 16 11.36 -5.02 26.67
N LEU A 17 11.78 -6.27 26.52
CA LEU A 17 12.41 -6.70 25.28
C LEU A 17 11.45 -6.57 24.10
N PHE A 18 10.15 -6.80 24.36
CA PHE A 18 9.13 -6.61 23.35
C PHE A 18 9.10 -5.17 22.84
N HIS A 19 9.06 -4.21 23.77
CA HIS A 19 9.04 -2.80 23.38
C HIS A 19 10.32 -2.42 22.66
N ILE A 20 11.47 -2.93 23.13
CA ILE A 20 12.73 -2.60 22.47
C ILE A 20 12.75 -3.14 21.04
N ALA A 21 12.32 -4.39 20.85
CA ALA A 21 12.32 -4.99 19.52
C ALA A 21 11.34 -4.27 18.60
N LEU A 22 10.17 -3.91 19.12
CA LEU A 22 9.19 -3.20 18.30
C LEU A 22 9.71 -1.83 17.91
N GLY A 23 10.36 -1.12 18.83
CA GLY A 23 10.93 0.17 18.51
C GLY A 23 12.02 0.07 17.46
N GLY A 24 12.87 -0.95 17.57
CA GLY A 24 13.87 -1.18 16.54
C GLY A 24 13.30 -1.55 15.19
N LEU A 25 12.20 -2.32 15.18
CA LEU A 25 11.58 -2.76 13.94
C LEU A 25 10.79 -1.67 13.23
N LEU A 26 10.17 -0.75 13.98
CA LEU A 26 9.34 0.29 13.39
C LEU A 26 10.13 1.53 13.00
N MET A 27 11.43 1.40 12.74
CA MET A 27 12.26 2.51 12.29
C MET A 27 12.39 2.58 10.77
N ILE A 28 11.61 1.80 10.03
CA ILE A 28 11.67 1.80 8.58
C ILE A 28 11.18 3.16 8.06
N PRO A 29 11.74 3.67 6.97
CA PRO A 29 11.28 4.95 6.44
C PRO A 29 9.88 4.89 5.89
N ALA A 30 8.99 5.76 6.38
CA ALA A 30 7.60 5.79 5.95
C ALA A 30 7.13 7.25 5.93
N GLY A 31 7.24 7.89 4.76
CA GLY A 31 6.75 9.23 4.57
C GLY A 31 7.67 10.30 5.12
N ILE A 32 7.40 11.54 4.72
CA ILE A 32 8.15 12.67 5.25
C ILE A 32 7.89 12.85 6.73
N TYR A 33 6.62 12.78 7.13
CA TYR A 33 6.23 12.93 8.53
C TYR A 33 6.20 11.55 9.17
N ALA A 34 7.22 11.25 9.96
CA ALA A 34 7.27 9.98 10.67
C ALA A 34 6.22 9.97 11.78
N PRO A 35 5.70 8.80 12.14
CA PRO A 35 4.72 8.73 13.23
C PRO A 35 5.32 9.20 14.54
N ILE A 36 4.45 9.79 15.38
CA ILE A 36 4.90 10.36 16.65
C ILE A 36 5.46 9.30 17.58
N CYS A 37 5.17 8.02 17.33
CA CYS A 37 5.73 6.95 18.15
C CYS A 37 7.24 6.87 18.04
N VAL A 38 7.78 7.06 16.81
CA VAL A 38 9.21 6.92 16.59
C VAL A 38 9.95 8.24 16.59
N THR A 39 9.27 9.36 16.32
CA THR A 39 9.94 10.66 16.37
C THR A 39 10.45 10.97 17.77
N VAL A 40 9.64 10.67 18.79
CA VAL A 40 10.04 10.90 20.17
C VAL A 40 11.13 9.93 20.63
N TRP A 41 11.34 8.83 19.89
CA TRP A 41 12.24 7.76 20.29
C TRP A 41 11.80 7.13 21.61
N TYR A 42 10.48 7.17 21.85
CA TYR A 42 9.92 6.62 23.09
C TYR A 42 10.15 5.12 23.26
N PRO A 43 9.89 4.26 22.27
CA PRO A 43 9.94 2.81 22.54
C PRO A 43 11.27 2.31 23.07
N LEU A 44 12.39 2.82 22.57
CA LEU A 44 13.69 2.29 22.97
C LEU A 44 13.98 2.56 24.44
N TRP A 45 13.84 3.82 24.87
CA TRP A 45 14.11 4.13 26.27
C TRP A 45 13.03 3.57 27.18
N GLY A 46 11.79 3.50 26.71
CA GLY A 46 10.77 2.81 27.49
C GLY A 46 11.12 1.36 27.74
N GLY A 47 11.54 0.65 26.69
CA GLY A 47 11.89 -0.74 26.83
C GLY A 47 13.11 -0.96 27.70
N ILE A 48 14.10 -0.06 27.60
CA ILE A 48 15.25 -0.20 28.49
C ILE A 48 14.84 0.06 29.93
N MET A 49 13.89 0.98 30.15
CA MET A 49 13.38 1.19 31.50
C MET A 49 12.67 -0.06 32.03
N TYR A 50 11.84 -0.70 31.20
CA TYR A 50 11.18 -1.92 31.64
C TYR A 50 12.18 -3.05 31.88
N ILE A 51 13.23 -3.14 31.06
CA ILE A 51 14.20 -4.21 31.25
C ILE A 51 14.99 -3.99 32.54
N ILE A 52 15.30 -2.73 32.87
CA ILE A 52 15.99 -2.46 34.12
C ILE A 52 15.06 -2.74 35.31
N SER A 53 13.79 -2.36 35.20
CA SER A 53 12.84 -2.64 36.28
C SER A 53 12.68 -4.14 36.50
N GLY A 54 12.62 -4.91 35.41
CA GLY A 54 12.55 -6.35 35.55
C GLY A 54 13.80 -6.94 36.17
N SER A 55 14.97 -6.49 35.72
CA SER A 55 16.23 -6.98 36.29
C SER A 55 16.36 -6.60 37.75
N LEU A 56 15.69 -5.54 38.20
CA LEU A 56 15.74 -5.13 39.60
C LEU A 56 14.83 -5.96 40.49
N LEU A 57 13.93 -6.75 39.93
CA LEU A 57 12.96 -7.51 40.73
C LEU A 57 12.80 -8.97 40.32
N ALA A 58 13.12 -9.35 39.09
CA ALA A 58 12.85 -10.71 38.63
C ALA A 58 13.68 -11.74 39.40
N ALA A 59 14.95 -11.45 39.65
CA ALA A 59 15.88 -12.42 40.20
C ALA A 59 16.51 -11.91 41.50
N THR A 60 15.73 -11.21 42.33
CA THR A 60 16.21 -10.77 43.64
C THR A 60 15.45 -11.45 44.77
N GLU A 61 14.13 -11.27 44.83
CA GLU A 61 13.28 -11.88 45.86
C GLU A 61 13.85 -11.66 47.26
N LYS A 62 14.34 -10.46 47.53
CA LYS A 62 14.98 -10.14 48.79
C LYS A 62 14.38 -8.87 49.38
N ASN A 63 14.68 -8.65 50.65
CA ASN A 63 14.18 -7.50 51.38
C ASN A 63 15.26 -7.07 52.38
N SER A 64 14.88 -6.24 53.36
CA SER A 64 15.79 -5.76 54.40
C SER A 64 16.95 -4.96 53.82
N ARG A 65 16.68 -4.27 52.71
CA ARG A 65 17.65 -3.35 52.11
C ARG A 65 16.93 -2.05 51.81
N LYS A 66 17.31 -0.97 52.52
CA LYS A 66 16.65 0.31 52.34
C LYS A 66 16.85 0.85 50.93
N CYS A 67 18.07 0.78 50.41
CA CYS A 67 18.35 1.29 49.07
C CYS A 67 17.56 0.51 48.03
N LEU A 68 17.44 -0.81 48.20
CA LEU A 68 16.72 -1.63 47.25
C LEU A 68 15.26 -1.21 47.14
N VAL A 69 14.58 -1.06 48.28
CA VAL A 69 13.17 -0.71 48.26
C VAL A 69 12.98 0.73 47.79
N LYS A 70 13.87 1.64 48.19
CA LYS A 70 13.79 3.01 47.71
C LYS A 70 13.87 3.07 46.19
N GLY A 71 14.90 2.45 45.62
CA GLY A 71 15.03 2.42 44.17
C GLY A 71 13.88 1.69 43.50
N LYS A 72 13.38 0.64 44.13
CA LYS A 72 12.27 -0.12 43.55
C LYS A 72 11.03 0.75 43.42
N MET A 73 10.65 1.46 44.49
CA MET A 73 9.44 2.26 44.40
C MET A 73 9.64 3.50 43.53
N ILE A 74 10.85 4.09 43.54
CA ILE A 74 11.09 5.23 42.66
C ILE A 74 10.98 4.80 41.19
N MET A 75 11.61 3.67 40.84
CA MET A 75 11.56 3.19 39.47
C MET A 75 10.16 2.71 39.11
N ASN A 76 9.38 2.25 40.09
CA ASN A 76 7.97 1.95 39.84
C ASN A 76 7.19 3.21 39.50
N SER A 77 7.48 4.32 40.20
CA SER A 77 6.82 5.58 39.88
C SER A 77 7.17 6.02 38.46
N LEU A 78 8.46 5.93 38.09
CA LEU A 78 8.85 6.22 36.71
C LEU A 78 8.20 5.25 35.73
N SER A 79 7.98 4.00 36.13
CA SER A 79 7.30 3.05 35.26
C SER A 79 5.85 3.44 35.02
N LEU A 80 5.15 3.88 36.07
CA LEU A 80 3.79 4.39 35.90
C LEU A 80 3.78 5.61 34.98
N PHE A 81 4.72 6.53 35.17
CA PHE A 81 4.80 7.70 34.31
C PHE A 81 5.04 7.31 32.86
N ALA A 82 5.95 6.36 32.62
CA ALA A 82 6.22 5.90 31.27
C ALA A 82 5.00 5.23 30.67
N ALA A 83 4.28 4.44 31.46
CA ALA A 83 3.09 3.75 30.96
C ALA A 83 2.00 4.74 30.55
N ILE A 84 1.75 5.75 31.40
CA ILE A 84 0.71 6.71 31.06
C ILE A 84 1.14 7.57 29.87
N SER A 85 2.42 7.92 29.79
CA SER A 85 2.90 8.66 28.62
C SER A 85 2.76 7.84 27.35
N GLY A 86 3.09 6.54 27.41
CA GLY A 86 2.92 5.70 26.24
C GLY A 86 1.47 5.57 25.83
N MET A 87 0.57 5.45 26.81
CA MET A 87 -0.86 5.42 26.51
C MET A 87 -1.29 6.70 25.81
N ILE A 88 -0.86 7.85 26.33
CA ILE A 88 -1.28 9.13 25.76
C ILE A 88 -0.76 9.26 24.33
N LEU A 89 0.51 8.95 24.11
CA LEU A 89 1.09 9.06 22.78
C LEU A 89 0.46 8.06 21.81
N SER A 90 0.16 6.84 22.26
CA SER A 90 -0.49 5.87 21.39
C SER A 90 -1.88 6.34 20.99
N ILE A 91 -2.64 6.88 21.94
CA ILE A 91 -3.98 7.39 21.63
C ILE A 91 -3.87 8.54 20.64
N MET A 92 -2.94 9.46 20.88
CA MET A 92 -2.79 10.60 19.97
C MET A 92 -2.40 10.13 18.57
N ASP A 93 -1.47 9.18 18.47
CA ASP A 93 -1.02 8.70 17.16
C ASP A 93 -2.15 7.99 16.42
N ILE A 94 -2.92 7.14 17.12
CA ILE A 94 -3.99 6.41 16.45
C ILE A 94 -5.10 7.36 16.02
N LEU A 95 -5.40 8.38 16.84
CA LEU A 95 -6.38 9.38 16.43
C LEU A 95 -5.89 10.22 15.25
N ASN A 96 -4.59 10.52 15.21
CA ASN A 96 -4.04 11.31 14.11
C ASN A 96 -4.08 10.52 12.81
N ILE A 97 -3.65 9.26 12.84
CA ILE A 97 -3.59 8.46 11.62
C ILE A 97 -5.00 8.10 11.14
N LYS A 98 -5.87 7.68 12.06
CA LYS A 98 -7.18 7.19 11.67
C LYS A 98 -8.08 8.31 11.18
N ILE A 99 -8.14 9.42 11.92
CA ILE A 99 -9.12 10.47 11.63
C ILE A 99 -8.62 11.40 10.54
N SER A 100 -7.54 12.13 10.82
CA SER A 100 -7.02 13.12 9.88
C SER A 100 -5.67 13.62 10.39
N HIS A 101 -4.81 14.01 9.44
CA HIS A 101 -3.49 14.50 9.80
C HIS A 101 -3.59 15.91 10.36
N PHE A 102 -3.03 16.12 11.55
CA PHE A 102 -3.03 17.44 12.17
C PHE A 102 -1.71 17.81 12.82
N LEU A 103 -0.70 16.94 12.79
CA LEU A 103 0.59 17.21 13.41
C LEU A 103 1.71 16.86 12.44
N LYS A 104 2.75 17.70 12.43
CA LYS A 104 3.87 17.48 11.51
C LYS A 104 4.84 16.44 12.05
N MET A 105 5.47 16.73 13.19
CA MET A 105 6.41 15.82 13.85
C MET A 105 7.53 15.39 12.91
N GLU A 106 8.34 16.37 12.50
CA GLU A 106 9.49 16.09 11.66
C GLU A 106 10.49 15.22 12.41
N SER A 107 11.15 14.33 11.68
CA SER A 107 12.06 13.35 12.25
C SER A 107 13.49 13.59 11.74
N LEU A 108 14.39 12.67 12.10
CA LEU A 108 15.78 12.79 11.72
C LEU A 108 15.96 12.55 10.22
N ASN A 109 17.09 13.01 9.69
CA ASN A 109 17.35 12.92 8.26
C ASN A 109 17.48 11.46 7.81
N PHE A 110 18.12 10.62 8.61
CA PHE A 110 18.40 9.25 8.20
C PHE A 110 17.15 8.38 8.15
N ILE A 111 16.01 8.86 8.66
CA ILE A 111 14.74 8.16 8.55
C ILE A 111 13.70 8.99 7.81
N ARG A 112 14.11 10.08 7.18
CA ARG A 112 13.20 10.94 6.42
C ARG A 112 13.63 11.12 4.98
N ALA A 113 14.92 11.27 4.70
CA ALA A 113 15.38 11.47 3.34
C ALA A 113 15.26 10.21 2.49
N HIS A 114 15.10 9.04 3.11
CA HIS A 114 14.95 7.81 2.35
C HIS A 114 13.64 7.82 1.56
N THR A 115 12.57 8.32 2.15
CA THR A 115 11.25 8.40 1.50
C THR A 115 10.74 9.83 1.61
N PRO A 116 11.28 10.75 0.81
CA PRO A 116 10.90 12.17 0.91
C PRO A 116 9.79 12.62 -0.03
N TYR A 117 9.14 11.69 -0.74
CA TYR A 117 8.12 12.07 -1.73
C TYR A 117 6.87 11.20 -1.59
N ILE A 118 6.64 10.62 -0.41
CA ILE A 118 5.50 9.74 -0.18
C ILE A 118 4.79 10.17 1.09
N ASN A 119 3.51 9.82 1.16
CA ASN A 119 2.65 10.13 2.30
C ASN A 119 1.97 8.86 2.78
N ILE A 120 1.82 8.75 4.10
CA ILE A 120 1.23 7.56 4.70
C ILE A 120 0.06 7.94 5.62
N TYR A 121 -0.43 9.18 5.47
CA TYR A 121 -1.50 9.68 6.31
C TYR A 121 -2.82 9.81 5.54
N ASN A 122 -2.82 10.56 4.44
CA ASN A 122 -4.00 10.73 3.59
C ASN A 122 -3.55 10.48 2.15
N CYS A 123 -3.56 9.21 1.74
CA CYS A 123 -3.19 8.82 0.39
C CYS A 123 -4.43 8.29 -0.32
N GLU A 124 -5.17 9.21 -0.95
CA GLU A 124 -6.34 8.89 -1.73
C GLU A 124 -6.16 9.47 -3.13
N PRO A 125 -6.80 8.86 -4.15
CA PRO A 125 -6.63 9.37 -5.51
C PRO A 125 -7.06 10.82 -5.66
N ALA A 126 -6.09 11.70 -5.92
CA ALA A 126 -6.41 13.10 -6.17
C ALA A 126 -7.24 13.25 -7.45
N ASN A 127 -6.87 12.50 -8.48
CA ASN A 127 -7.58 12.46 -9.75
C ASN A 127 -8.21 11.09 -9.96
N PRO A 128 -9.29 11.00 -10.74
CA PRO A 128 -9.94 9.70 -10.96
C PRO A 128 -9.11 8.73 -11.78
N SER A 129 -8.03 9.17 -12.42
CA SER A 129 -7.22 8.28 -13.25
C SER A 129 -6.45 7.25 -12.43
N GLU A 130 -6.32 7.45 -11.12
CA GLU A 130 -5.61 6.53 -10.25
C GLU A 130 -6.50 6.10 -9.08
N LYS A 131 -7.79 5.88 -9.36
CA LYS A 131 -8.70 5.40 -8.32
C LYS A 131 -8.29 4.03 -7.81
N ASN A 132 -7.93 3.13 -8.72
CA ASN A 132 -7.46 1.78 -8.38
C ASN A 132 -6.07 1.61 -9.00
N SER A 133 -5.05 2.03 -8.27
CA SER A 133 -3.68 2.00 -8.74
C SER A 133 -2.81 1.24 -7.75
N PRO A 134 -1.67 0.70 -8.21
CA PRO A 134 -0.77 0.01 -7.28
C PRO A 134 -0.28 0.91 -6.15
N SER A 135 -0.06 2.20 -6.42
CA SER A 135 0.47 3.09 -5.38
C SER A 135 -0.54 3.26 -4.25
N THR A 136 -1.79 3.59 -4.58
CA THR A 136 -2.80 3.79 -3.55
C THR A 136 -3.14 2.50 -2.82
N GLN A 137 -3.15 1.36 -3.53
CA GLN A 137 -3.39 0.09 -2.85
C GLN A 137 -2.26 -0.25 -1.89
N TYR A 138 -1.02 -0.02 -2.31
CA TYR A 138 0.11 -0.26 -1.42
C TYR A 138 0.05 0.65 -0.20
N CYS A 139 -0.30 1.92 -0.40
CA CYS A 139 -0.41 2.84 0.73
C CYS A 139 -1.55 2.44 1.66
N TYR A 140 -2.66 1.95 1.11
CA TYR A 140 -3.76 1.47 1.94
C TYR A 140 -3.34 0.26 2.76
N SER A 141 -2.58 -0.66 2.14
CA SER A 141 -2.07 -1.81 2.89
C SER A 141 -1.12 -1.36 3.99
N ILE A 142 -0.26 -0.38 3.71
CA ILE A 142 0.66 0.14 4.71
C ILE A 142 -0.13 0.75 5.87
N GLN A 143 -1.16 1.53 5.56
CA GLN A 143 -1.97 2.16 6.60
C GLN A 143 -2.69 1.11 7.44
N SER A 144 -3.23 0.06 6.81
CA SER A 144 -3.88 -1.00 7.56
C SER A 144 -2.90 -1.72 8.47
N LEU A 145 -1.69 -2.01 7.96
CA LEU A 145 -0.68 -2.66 8.79
C LEU A 145 -0.28 -1.79 9.96
N PHE A 146 -0.12 -0.48 9.73
CA PHE A 146 0.22 0.44 10.81
C PHE A 146 -0.89 0.50 11.85
N LEU A 147 -2.15 0.52 11.40
CA LEU A 147 -3.26 0.52 12.35
C LEU A 147 -3.28 -0.75 13.19
N GLY A 148 -3.05 -1.90 12.55
CA GLY A 148 -2.98 -3.15 13.30
C GLY A 148 -1.85 -3.17 14.30
N ILE A 149 -0.68 -2.67 13.89
CA ILE A 149 0.47 -2.62 14.79
C ILE A 149 0.17 -1.71 15.99
N LEU A 150 -0.45 -0.56 15.72
CA LEU A 150 -0.81 0.35 16.80
C LEU A 150 -1.82 -0.27 17.75
N SER A 151 -2.81 -0.99 17.20
CA SER A 151 -3.80 -1.65 18.05
C SER A 151 -3.15 -2.72 18.93
N VAL A 152 -2.24 -3.52 18.35
CA VAL A 152 -1.55 -4.54 19.13
C VAL A 152 -0.70 -3.89 20.23
N MET A 153 0.01 -2.81 19.88
CA MET A 153 0.83 -2.12 20.86
C MET A 153 -0.03 -1.55 22.00
N LEU A 154 -1.18 -0.98 21.66
CA LEU A 154 -2.07 -0.42 22.68
C LEU A 154 -2.61 -1.51 23.59
N ILE A 155 -2.99 -2.66 23.01
CA ILE A 155 -3.50 -3.76 23.82
C ILE A 155 -2.43 -4.27 24.77
N PHE A 156 -1.21 -4.45 24.26
CA PHE A 156 -0.12 -4.93 25.10
C PHE A 156 0.24 -3.93 26.19
N ALA A 157 0.24 -2.64 25.85
CA ALA A 157 0.51 -1.61 26.85
C ALA A 157 -0.57 -1.60 27.93
N PHE A 158 -1.84 -1.76 27.54
CA PHE A 158 -2.91 -1.83 28.52
C PHE A 158 -2.74 -3.03 29.44
N PHE A 159 -2.40 -4.18 28.87
CA PHE A 159 -2.19 -5.37 29.70
C PHE A 159 -1.03 -5.17 30.66
N GLN A 160 0.08 -4.59 30.17
CA GLN A 160 1.23 -4.35 31.02
C GLN A 160 0.92 -3.35 32.12
N GLU A 161 0.15 -2.30 31.81
CA GLU A 161 -0.25 -1.32 32.82
C GLU A 161 -1.14 -1.96 33.86
N LEU A 162 -2.06 -2.84 33.44
CA LEU A 162 -2.89 -3.56 34.40
C LEU A 162 -2.04 -4.44 35.30
N VAL A 163 -1.03 -5.11 34.73
CA VAL A 163 -0.13 -5.94 35.53
C VAL A 163 0.60 -5.09 36.55
N ILE A 164 1.11 -3.92 36.15
CA ILE A 164 1.81 -3.05 37.08
C ILE A 164 0.87 -2.58 38.19
N ALA A 165 -0.34 -2.16 37.81
CA ALA A 165 -1.31 -1.72 38.81
C ALA A 165 -1.63 -2.83 39.80
N GLY A 166 -1.67 -4.08 39.32
CA GLY A 166 -1.85 -5.20 40.22
C GLY A 166 -0.63 -5.52 41.06
N ILE A 167 0.55 -5.09 40.62
CA ILE A 167 1.78 -5.36 41.35
C ILE A 167 2.25 -4.18 42.20
N VAL A 168 1.74 -2.97 41.98
CA VAL A 168 2.14 -1.82 42.79
C VAL A 168 1.68 -2.01 44.23
N GLU A 169 0.42 -2.42 44.42
CA GLU A 169 -0.17 -2.61 45.74
C GLU A 169 -0.10 -1.33 46.58
N PHE B 1 16.39 -24.23 34.57
CA PHE B 1 16.47 -25.58 35.11
C PHE B 1 15.10 -26.04 35.60
N MET B 2 15.00 -27.32 35.95
CA MET B 2 13.75 -27.88 36.45
C MET B 2 13.37 -27.34 37.83
N ARG B 3 14.30 -26.71 38.54
CA ARG B 3 14.01 -26.20 39.88
C ARG B 3 13.00 -25.06 39.83
N GLU B 4 13.07 -24.21 38.82
CA GLU B 4 12.25 -23.01 38.72
C GLU B 4 11.49 -22.98 37.41
N SER B 5 10.83 -24.09 37.08
CA SER B 5 10.01 -24.17 35.87
C SER B 5 8.63 -23.57 36.06
N LYS B 6 8.23 -23.24 37.29
CA LYS B 6 6.90 -22.68 37.53
C LYS B 6 6.76 -21.32 36.87
N THR B 7 7.80 -20.49 36.95
CA THR B 7 7.72 -19.11 36.47
C THR B 7 7.58 -19.01 34.96
N LEU B 8 7.79 -20.10 34.21
CA LEU B 8 7.75 -20.06 32.76
C LEU B 8 6.36 -20.35 32.20
N GLY B 9 5.38 -20.66 33.05
CA GLY B 9 4.02 -20.86 32.56
C GLY B 9 3.45 -19.59 31.96
N ALA B 10 3.63 -18.46 32.66
CA ALA B 10 3.22 -17.18 32.10
C ALA B 10 4.01 -16.84 30.85
N VAL B 11 5.27 -17.27 30.80
CA VAL B 11 6.09 -17.05 29.60
C VAL B 11 5.46 -17.78 28.40
N GLN B 12 5.06 -19.03 28.60
CA GLN B 12 4.43 -19.78 27.53
C GLN B 12 3.06 -19.21 27.17
N ILE B 13 2.33 -18.68 28.16
CA ILE B 13 1.06 -18.02 27.88
C ILE B 13 1.30 -16.81 26.98
N MET B 14 2.33 -16.01 27.29
CA MET B 14 2.66 -14.86 26.47
C MET B 14 3.09 -15.29 25.07
N ASN B 15 3.80 -16.42 24.97
CA ASN B 15 4.19 -16.93 23.66
C ASN B 15 2.97 -17.34 22.84
N GLY B 16 1.98 -17.95 23.50
CA GLY B 16 0.74 -18.28 22.82
C GLY B 16 0.00 -17.03 22.34
N LEU B 17 -0.03 -15.99 23.17
CA LEU B 17 -0.62 -14.73 22.75
C LEU B 17 0.15 -14.14 21.57
N PHE B 18 1.47 -14.23 21.59
CA PHE B 18 2.28 -13.88 20.43
C PHE B 18 1.82 -14.61 19.17
N HIS B 19 1.72 -15.94 19.23
CA HIS B 19 1.37 -16.69 18.04
C HIS B 19 -0.01 -16.30 17.53
N ILE B 20 -0.99 -16.17 18.43
CA ILE B 20 -2.34 -15.85 18.02
C ILE B 20 -2.41 -14.44 17.43
N ALA B 21 -1.81 -13.47 18.11
CA ALA B 21 -1.87 -12.09 17.66
C ALA B 21 -1.15 -11.91 16.33
N LEU B 22 0.02 -12.55 16.16
CA LEU B 22 0.75 -12.39 14.91
C LEU B 22 0.05 -13.13 13.78
N GLY B 23 -0.60 -14.25 14.06
CA GLY B 23 -1.42 -14.89 13.03
C GLY B 23 -2.56 -13.99 12.59
N GLY B 24 -3.25 -13.37 13.55
CA GLY B 24 -4.30 -12.44 13.19
C GLY B 24 -3.80 -11.24 12.41
N LEU B 25 -2.61 -10.75 12.77
CA LEU B 25 -2.03 -9.60 12.07
C LEU B 25 -1.65 -9.96 10.64
N LEU B 26 -1.00 -11.12 10.45
CA LEU B 26 -0.63 -11.57 9.12
C LEU B 26 -1.81 -12.09 8.31
N MET B 27 -2.97 -12.25 8.94
CA MET B 27 -4.17 -12.65 8.21
C MET B 27 -4.62 -11.60 7.19
N ILE B 28 -4.13 -10.36 7.31
CA ILE B 28 -4.51 -9.27 6.41
C ILE B 28 -4.06 -9.62 4.99
N PRO B 29 -4.80 -9.18 3.95
CA PRO B 29 -4.44 -9.52 2.56
C PRO B 29 -3.24 -8.72 2.03
N ALA B 30 -2.05 -9.18 2.38
CA ALA B 30 -0.81 -8.56 1.89
C ALA B 30 -0.38 -9.29 0.62
N GLY B 31 -1.08 -9.00 -0.47
CA GLY B 31 -0.81 -9.62 -1.74
C GLY B 31 -1.66 -10.85 -1.99
N ILE B 32 -1.78 -11.21 -3.26
CA ILE B 32 -2.54 -12.39 -3.64
C ILE B 32 -1.89 -13.64 -3.09
N TYR B 33 -0.57 -13.76 -3.24
CA TYR B 33 0.18 -14.93 -2.81
C TYR B 33 0.72 -14.68 -1.41
N ALA B 34 -0.07 -15.08 -0.42
CA ALA B 34 0.30 -14.87 0.97
C ALA B 34 1.46 -15.79 1.36
N PRO B 35 2.27 -15.38 2.33
CA PRO B 35 3.34 -16.26 2.82
C PRO B 35 2.77 -17.57 3.34
N ILE B 36 3.55 -18.64 3.16
CA ILE B 36 3.08 -19.99 3.51
C ILE B 36 2.78 -20.11 5.00
N CYS B 37 3.35 -19.24 5.84
CA CYS B 37 3.10 -19.32 7.27
C CYS B 37 1.63 -19.06 7.60
N VAL B 38 1.01 -18.10 6.91
CA VAL B 38 -0.37 -17.75 7.24
C VAL B 38 -1.36 -18.63 6.48
N THR B 39 -0.97 -19.18 5.33
CA THR B 39 -1.87 -20.05 4.58
C THR B 39 -2.17 -21.32 5.35
N VAL B 40 -1.17 -21.91 6.00
CA VAL B 40 -1.37 -23.15 6.76
C VAL B 40 -2.05 -22.91 8.09
N TRP B 41 -2.23 -21.66 8.50
CA TRP B 41 -2.86 -21.30 9.77
C TRP B 41 -2.13 -21.92 10.95
N TYR B 42 -0.82 -22.13 10.81
CA TYR B 42 -0.02 -22.67 11.91
C TYR B 42 -0.02 -21.80 13.16
N PRO B 43 0.17 -20.47 13.08
CA PRO B 43 0.31 -19.70 14.32
C PRO B 43 -0.89 -19.79 15.25
N LEU B 44 -2.12 -19.83 14.72
CA LEU B 44 -3.30 -19.84 15.58
C LEU B 44 -3.34 -21.09 16.44
N TRP B 45 -3.26 -22.27 15.80
CA TRP B 45 -3.32 -23.51 16.57
C TRP B 45 -2.08 -23.71 17.43
N GLY B 46 -0.91 -23.28 16.94
CA GLY B 46 0.28 -23.35 17.76
C GLY B 46 0.16 -22.52 19.02
N GLY B 47 -0.35 -21.30 18.90
CA GLY B 47 -0.55 -20.46 20.07
C GLY B 47 -1.60 -21.02 21.01
N ILE B 48 -2.68 -21.59 20.47
CA ILE B 48 -3.72 -22.14 21.34
C ILE B 48 -3.18 -23.35 22.10
N MET B 49 -2.35 -24.17 21.46
CA MET B 49 -1.83 -25.34 22.17
C MET B 49 -0.72 -24.96 23.15
N TYR B 50 0.08 -23.93 22.83
CA TYR B 50 0.98 -23.38 23.84
C TYR B 50 0.20 -22.83 25.03
N ILE B 51 -0.93 -22.17 24.77
CA ILE B 51 -1.75 -21.65 25.86
C ILE B 51 -2.26 -22.78 26.74
N ILE B 52 -2.74 -23.86 26.11
CA ILE B 52 -3.26 -25.01 26.86
C ILE B 52 -2.15 -25.63 27.70
N SER B 53 -0.98 -25.85 27.08
CA SER B 53 0.13 -26.48 27.80
C SER B 53 0.60 -25.62 28.96
N GLY B 54 0.71 -24.30 28.75
CA GLY B 54 1.11 -23.41 29.83
C GLY B 54 0.10 -23.37 30.95
N SER B 55 -1.19 -23.43 30.61
CA SER B 55 -2.22 -23.52 31.64
C SER B 55 -2.07 -24.80 32.44
N LEU B 56 -1.76 -25.92 31.77
CA LEU B 56 -1.52 -27.16 32.48
C LEU B 56 -0.14 -27.19 33.13
N LEU B 57 0.83 -26.47 32.57
CA LEU B 57 2.19 -26.49 33.12
C LEU B 57 2.24 -25.92 34.53
N ALA B 58 1.52 -24.81 34.75
CA ALA B 58 1.53 -24.12 36.04
C ALA B 58 0.30 -24.45 36.88
N ALA B 59 -0.18 -25.69 36.79
CA ALA B 59 -1.38 -26.08 37.53
C ALA B 59 -1.07 -26.25 39.02
N THR B 60 -0.18 -27.18 39.34
CA THR B 60 0.18 -27.45 40.73
C THR B 60 1.67 -27.58 40.99
N GLU B 61 2.48 -27.89 39.98
CA GLU B 61 3.93 -28.07 40.12
C GLU B 61 4.28 -29.17 41.12
N LYS B 62 3.36 -30.10 41.35
CA LYS B 62 3.58 -31.20 42.28
C LYS B 62 2.91 -32.44 41.71
N ASN B 63 2.81 -33.48 42.54
CA ASN B 63 2.20 -34.75 42.14
C ASN B 63 0.84 -34.87 42.83
N SER B 64 -0.21 -34.56 42.09
CA SER B 64 -1.57 -34.69 42.58
C SER B 64 -2.03 -36.14 42.39
N ARG B 65 -3.32 -36.39 42.58
CA ARG B 65 -3.86 -37.73 42.35
C ARG B 65 -3.68 -38.12 40.89
N LYS B 66 -4.35 -37.42 39.99
CA LYS B 66 -4.07 -37.53 38.54
C LYS B 66 -4.40 -36.16 37.93
N CYS B 67 -3.39 -35.29 37.88
CA CYS B 67 -3.58 -33.96 37.30
C CYS B 67 -2.46 -33.51 36.37
N LEU B 68 -1.24 -33.97 36.54
CA LEU B 68 -0.12 -33.40 35.80
C LEU B 68 0.74 -34.44 35.09
N VAL B 69 0.94 -35.62 35.69
CA VAL B 69 1.85 -36.60 35.14
C VAL B 69 1.32 -37.16 33.82
N LYS B 70 0.01 -37.26 33.67
CA LYS B 70 -0.55 -37.76 32.42
C LYS B 70 -0.22 -36.83 31.26
N GLY B 71 -0.29 -35.52 31.48
CA GLY B 71 -0.03 -34.58 30.41
C GLY B 71 1.43 -34.24 30.22
N LYS B 72 2.26 -34.41 31.26
CA LYS B 72 3.64 -33.92 31.21
C LYS B 72 4.44 -34.54 30.08
N MET B 73 4.04 -35.70 29.56
CA MET B 73 4.72 -36.30 28.43
C MET B 73 4.05 -35.99 27.10
N ILE B 74 2.73 -36.17 27.02
CA ILE B 74 2.03 -36.00 25.75
C ILE B 74 2.08 -34.55 25.30
N MET B 75 1.76 -33.62 26.21
CA MET B 75 1.76 -32.21 25.81
C MET B 75 3.17 -31.70 25.56
N ASN B 76 4.17 -32.23 26.26
CA ASN B 76 5.56 -31.89 25.94
C ASN B 76 5.92 -32.35 24.54
N SER B 77 5.52 -33.56 24.16
CA SER B 77 5.77 -34.04 22.81
C SER B 77 5.06 -33.18 21.77
N LEU B 78 3.81 -32.80 22.05
CA LEU B 78 3.09 -31.92 21.13
C LEU B 78 3.78 -30.56 21.00
N SER B 79 4.28 -30.02 22.12
CA SER B 79 4.99 -28.75 22.05
C SER B 79 6.27 -28.86 21.24
N LEU B 80 7.00 -29.96 21.40
CA LEU B 80 8.21 -30.16 20.61
C LEU B 80 7.88 -30.28 19.12
N PHE B 81 6.82 -31.02 18.80
CA PHE B 81 6.40 -31.15 17.41
C PHE B 81 5.98 -29.80 16.83
N ALA B 82 5.26 -29.01 17.61
CA ALA B 82 4.88 -27.67 17.15
C ALA B 82 6.10 -26.80 16.92
N ALA B 83 7.09 -26.89 17.81
CA ALA B 83 8.30 -26.08 17.66
C ALA B 83 9.07 -26.46 16.40
N ILE B 84 9.24 -27.77 16.16
CA ILE B 84 9.99 -28.18 14.97
C ILE B 84 9.23 -27.81 13.70
N SER B 85 7.91 -28.00 13.71
CA SER B 85 7.11 -27.61 12.55
C SER B 85 7.19 -26.11 12.31
N GLY B 86 7.17 -25.31 13.38
CA GLY B 86 7.25 -23.86 13.22
C GLY B 86 8.59 -23.42 12.68
N MET B 87 9.69 -23.99 13.18
CA MET B 87 10.99 -23.58 12.67
C MET B 87 11.18 -24.04 11.23
N ILE B 88 10.65 -25.21 10.88
CA ILE B 88 10.70 -25.66 9.49
C ILE B 88 9.92 -24.71 8.59
N LEU B 89 8.73 -24.30 9.03
CA LEU B 89 7.91 -23.37 8.25
C LEU B 89 8.62 -22.03 8.10
N SER B 90 9.27 -21.55 9.16
CA SER B 90 9.97 -20.27 9.09
C SER B 90 11.15 -20.34 8.13
N ILE B 91 11.95 -21.40 8.20
CA ILE B 91 13.11 -21.50 7.31
C ILE B 91 12.68 -21.76 5.87
N MET B 92 11.50 -22.35 5.66
CA MET B 92 10.98 -22.47 4.30
C MET B 92 10.47 -21.13 3.77
N ASP B 93 9.77 -20.37 4.63
CA ASP B 93 9.17 -19.12 4.18
C ASP B 93 10.23 -18.06 3.91
N ILE B 94 11.30 -18.04 4.71
CA ILE B 94 12.36 -17.05 4.46
C ILE B 94 13.03 -17.31 3.11
N LEU B 95 13.20 -18.59 2.76
CA LEU B 95 13.76 -18.92 1.45
C LEU B 95 12.76 -18.61 0.34
N ASN B 96 11.47 -18.86 0.58
CA ASN B 96 10.46 -18.60 -0.45
C ASN B 96 10.27 -17.12 -0.69
N ILE B 97 10.61 -16.27 0.29
CA ILE B 97 10.48 -14.84 0.10
C ILE B 97 11.79 -14.21 -0.38
N LYS B 98 12.94 -14.76 0.01
CA LYS B 98 14.21 -14.25 -0.48
C LYS B 98 14.48 -14.70 -1.92
N ILE B 99 14.09 -15.92 -2.26
CA ILE B 99 14.28 -16.48 -3.59
C ILE B 99 12.90 -16.57 -4.24
N SER B 100 12.88 -16.54 -5.58
CA SER B 100 11.62 -16.63 -6.31
C SER B 100 10.83 -17.85 -5.89
N HIS B 101 9.54 -17.64 -5.62
CA HIS B 101 8.71 -18.68 -5.03
C HIS B 101 8.49 -19.83 -6.00
N PHE B 102 8.42 -21.05 -5.45
CA PHE B 102 8.02 -22.22 -6.20
C PHE B 102 6.81 -22.93 -5.59
N LEU B 103 6.13 -22.28 -4.65
CA LEU B 103 4.82 -22.71 -4.17
C LEU B 103 3.83 -21.58 -4.37
N LYS B 104 2.61 -21.94 -4.79
CA LYS B 104 1.58 -20.93 -5.04
C LYS B 104 0.98 -20.45 -3.72
N MET B 105 0.33 -21.35 -2.98
CA MET B 105 -0.29 -21.02 -1.69
C MET B 105 -1.27 -19.85 -1.83
N GLU B 106 -2.33 -20.11 -2.59
CA GLU B 106 -3.32 -19.07 -2.85
C GLU B 106 -4.01 -18.66 -1.56
N SER B 107 -4.30 -17.37 -1.45
CA SER B 107 -4.92 -16.81 -0.25
C SER B 107 -6.43 -17.04 -0.27
N LEU B 108 -7.02 -17.00 0.93
CA LEU B 108 -8.44 -17.27 1.06
C LEU B 108 -9.26 -16.10 0.54
N ASN B 109 -10.51 -16.41 0.15
CA ASN B 109 -11.31 -15.46 -0.62
C ASN B 109 -11.81 -14.30 0.22
N PHE B 110 -12.25 -14.56 1.46
CA PHE B 110 -12.92 -13.52 2.23
C PHE B 110 -11.97 -12.40 2.65
N ILE B 111 -10.66 -12.61 2.57
CA ILE B 111 -9.70 -11.55 2.83
C ILE B 111 -9.16 -11.03 1.50
N ARG B 112 -9.10 -11.91 0.50
CA ARG B 112 -8.64 -11.50 -0.82
C ARG B 112 -9.60 -10.53 -1.49
N ALA B 113 -10.88 -10.51 -1.08
CA ALA B 113 -11.85 -9.62 -1.67
C ALA B 113 -11.59 -8.15 -1.37
N HIS B 114 -10.69 -7.85 -0.45
CA HIS B 114 -10.40 -6.46 -0.07
C HIS B 114 -9.30 -5.85 -0.95
N THR B 115 -8.12 -6.46 -0.98
CA THR B 115 -6.98 -5.96 -1.75
C THR B 115 -6.47 -7.10 -2.62
N PRO B 116 -7.14 -7.39 -3.73
CA PRO B 116 -6.75 -8.50 -4.60
C PRO B 116 -5.77 -8.15 -5.71
N TYR B 117 -5.15 -6.97 -5.69
CA TYR B 117 -4.29 -6.52 -6.78
C TYR B 117 -2.97 -5.99 -6.25
N ILE B 118 -2.34 -6.75 -5.35
CA ILE B 118 -1.04 -6.40 -4.79
C ILE B 118 -0.06 -7.50 -5.15
N ASN B 119 1.02 -7.12 -5.83
CA ASN B 119 2.04 -8.06 -6.27
C ASN B 119 3.38 -7.68 -5.65
N ILE B 120 4.03 -8.65 -5.01
CA ILE B 120 5.30 -8.41 -4.35
C ILE B 120 6.40 -9.24 -5.01
N TYR B 121 6.00 -10.39 -5.57
CA TYR B 121 6.99 -11.32 -6.13
C TYR B 121 7.70 -10.71 -7.34
N ASN B 122 6.95 -10.10 -8.25
CA ASN B 122 7.52 -9.45 -9.44
C ASN B 122 6.87 -8.07 -9.62
N CYS B 123 7.46 -7.07 -8.98
CA CYS B 123 6.97 -5.70 -9.01
C CYS B 123 7.92 -4.78 -9.76
N GLU B 124 8.57 -5.31 -10.80
CA GLU B 124 9.56 -4.56 -11.57
C GLU B 124 9.02 -4.28 -12.96
N PRO B 125 8.58 -3.06 -13.27
CA PRO B 125 8.17 -2.73 -14.63
C PRO B 125 9.32 -2.91 -15.62
N ALA B 126 8.98 -3.29 -16.85
CA ALA B 126 9.98 -3.57 -17.86
C ALA B 126 10.78 -2.32 -18.25
N ASN B 127 10.25 -1.14 -17.99
CA ASN B 127 10.96 0.09 -18.33
C ASN B 127 12.10 0.33 -17.34
N PRO B 128 13.35 0.38 -17.78
CA PRO B 128 14.45 0.68 -16.84
C PRO B 128 14.34 2.05 -16.20
N SER B 129 13.80 3.04 -16.92
CA SER B 129 13.65 4.39 -16.39
C SER B 129 12.52 4.50 -15.37
N GLU B 130 11.69 3.46 -15.23
CA GLU B 130 10.57 3.49 -14.30
C GLU B 130 10.97 3.08 -12.88
N LYS B 131 12.24 2.78 -12.64
CA LYS B 131 12.68 2.36 -11.31
C LYS B 131 12.56 3.47 -10.29
N ASN B 132 12.47 4.73 -10.72
CA ASN B 132 12.39 5.86 -9.80
C ASN B 132 10.97 6.15 -9.34
N SER B 133 9.98 5.40 -9.82
CA SER B 133 8.60 5.64 -9.42
C SER B 133 8.39 5.26 -7.96
N PRO B 134 7.46 5.91 -7.27
CA PRO B 134 7.19 5.55 -5.87
C PRO B 134 6.67 4.14 -5.68
N SER B 135 6.12 3.52 -6.74
CA SER B 135 5.64 2.15 -6.62
C SER B 135 6.78 1.18 -6.30
N THR B 136 7.93 1.36 -6.98
CA THR B 136 9.08 0.50 -6.70
C THR B 136 9.58 0.70 -5.27
N GLN B 137 9.59 1.95 -4.80
CA GLN B 137 10.00 2.22 -3.42
C GLN B 137 9.04 1.57 -2.43
N TYR B 138 7.73 1.63 -2.71
CA TYR B 138 6.75 0.98 -1.84
C TYR B 138 6.96 -0.53 -1.81
N CYS B 139 7.20 -1.13 -2.99
CA CYS B 139 7.43 -2.57 -3.04
C CYS B 139 8.70 -2.95 -2.27
N TYR B 140 9.76 -2.16 -2.41
CA TYR B 140 10.99 -2.44 -1.67
C TYR B 140 10.78 -2.30 -0.17
N SER B 141 10.03 -1.28 0.26
CA SER B 141 9.73 -1.12 1.67
C SER B 141 8.91 -2.29 2.20
N ILE B 142 7.93 -2.76 1.43
CA ILE B 142 7.14 -3.91 1.83
C ILE B 142 8.01 -5.15 1.96
N GLN B 143 8.91 -5.35 0.99
CA GLN B 143 9.81 -6.50 1.04
C GLN B 143 10.72 -6.44 2.26
N SER B 144 11.27 -5.26 2.55
CA SER B 144 12.14 -5.11 3.72
C SER B 144 11.37 -5.34 5.02
N LEU B 145 10.15 -4.83 5.11
CA LEU B 145 9.35 -5.04 6.31
C LEU B 145 9.02 -6.52 6.50
N PHE B 146 8.66 -7.21 5.42
CA PHE B 146 8.37 -8.64 5.52
C PHE B 146 9.62 -9.43 5.90
N LEU B 147 10.77 -9.06 5.34
CA LEU B 147 12.01 -9.73 5.72
C LEU B 147 12.31 -9.53 7.20
N GLY B 148 12.11 -8.31 7.71
CA GLY B 148 12.33 -8.06 9.13
C GLY B 148 11.38 -8.85 10.00
N ILE B 149 10.10 -8.90 9.63
CA ILE B 149 9.12 -9.66 10.41
C ILE B 149 9.49 -11.14 10.43
N LEU B 150 9.86 -11.70 9.27
CA LEU B 150 10.23 -13.11 9.21
C LEU B 150 11.48 -13.38 10.04
N SER B 151 12.49 -12.49 9.96
CA SER B 151 13.70 -12.71 10.75
C SER B 151 13.42 -12.64 12.24
N VAL B 152 12.63 -11.67 12.67
CA VAL B 152 12.30 -11.54 14.09
C VAL B 152 11.52 -12.76 14.57
N MET B 153 10.54 -13.19 13.77
CA MET B 153 9.75 -14.36 14.14
C MET B 153 10.61 -15.61 14.22
N LEU B 154 11.53 -15.79 13.27
CA LEU B 154 12.40 -16.95 13.29
C LEU B 154 13.31 -16.94 14.52
N ILE B 155 13.88 -15.77 14.84
CA ILE B 155 14.76 -15.68 15.99
C ILE B 155 14.00 -15.97 17.28
N PHE B 156 12.80 -15.40 17.43
CA PHE B 156 12.03 -15.60 18.65
C PHE B 156 11.56 -17.05 18.76
N ALA B 157 11.18 -17.65 17.63
CA ALA B 157 10.77 -19.06 17.64
C ALA B 157 11.94 -19.96 18.02
N PHE B 158 13.14 -19.66 17.50
CA PHE B 158 14.32 -20.43 17.88
C PHE B 158 14.60 -20.30 19.37
N PHE B 159 14.48 -19.08 19.91
CA PHE B 159 14.71 -18.87 21.34
C PHE B 159 13.72 -19.66 22.18
N GLN B 160 12.43 -19.56 21.85
CA GLN B 160 11.42 -20.25 22.65
C GLN B 160 11.56 -21.76 22.53
N GLU B 161 11.87 -22.26 21.32
CA GLU B 161 12.00 -23.70 21.16
C GLU B 161 13.23 -24.23 21.90
N LEU B 162 14.33 -23.48 21.91
CA LEU B 162 15.50 -23.94 22.64
C LEU B 162 15.26 -23.90 24.14
N VAL B 163 14.57 -22.88 24.64
CA VAL B 163 14.32 -22.84 26.08
C VAL B 163 13.34 -23.94 26.48
N ILE B 164 12.34 -24.24 25.64
CA ILE B 164 11.43 -25.35 25.94
C ILE B 164 12.18 -26.67 25.93
N ALA B 165 13.05 -26.87 24.94
CA ALA B 165 13.82 -28.12 24.87
C ALA B 165 14.72 -28.27 26.09
N GLY B 166 15.34 -27.17 26.53
CA GLY B 166 16.15 -27.23 27.74
C GLY B 166 15.34 -27.53 28.99
N ILE B 167 14.13 -26.96 29.07
CA ILE B 167 13.31 -27.15 30.27
C ILE B 167 12.80 -28.59 30.35
N VAL B 168 12.30 -29.13 29.24
CA VAL B 168 11.73 -30.47 29.27
C VAL B 168 12.78 -31.54 29.52
N GLU B 169 14.05 -31.24 29.27
CA GLU B 169 15.11 -32.22 29.49
C GLU B 169 15.37 -32.41 30.99
N VAL C 1 4.42 -4.66 -27.02
CA VAL C 1 2.98 -4.48 -26.92
C VAL C 1 2.40 -3.97 -28.23
N GLN C 2 1.30 -4.58 -28.67
CA GLN C 2 0.64 -4.20 -29.90
C GLN C 2 -0.86 -4.11 -29.66
N LEU C 3 -1.51 -3.19 -30.39
CA LEU C 3 -2.95 -2.99 -30.30
C LEU C 3 -3.53 -3.18 -31.70
N VAL C 4 -4.50 -4.08 -31.82
CA VAL C 4 -5.15 -4.38 -33.10
C VAL C 4 -6.64 -4.08 -32.96
N GLN C 5 -7.17 -3.31 -33.90
CA GLN C 5 -8.57 -2.93 -33.91
C GLN C 5 -9.20 -3.30 -35.24
N SER C 6 -10.50 -3.55 -35.21
CA SER C 6 -11.23 -3.94 -36.42
C SER C 6 -11.34 -2.77 -37.38
N GLY C 7 -11.60 -3.09 -38.64
CA GLY C 7 -11.71 -2.07 -39.66
C GLY C 7 -12.99 -1.25 -39.53
N ALA C 8 -13.04 -0.17 -40.29
CA ALA C 8 -14.18 0.73 -40.25
C ALA C 8 -15.43 0.05 -40.80
N GLU C 9 -16.58 0.38 -40.21
CA GLU C 9 -17.85 -0.17 -40.60
C GLU C 9 -18.81 0.96 -40.97
N VAL C 10 -19.65 0.70 -41.96
CA VAL C 10 -20.67 1.66 -42.41
C VAL C 10 -22.02 1.20 -41.87
N LYS C 11 -22.75 2.11 -41.23
CA LYS C 11 -24.03 1.77 -40.62
C LYS C 11 -25.11 2.75 -41.05
N LYS C 12 -26.28 2.65 -40.42
CA LYS C 12 -27.42 3.51 -40.70
C LYS C 12 -27.96 4.07 -39.39
N PRO C 13 -28.60 5.23 -39.43
CA PRO C 13 -29.16 5.81 -38.20
C PRO C 13 -30.20 4.88 -37.57
N GLY C 14 -30.18 4.84 -36.23
CA GLY C 14 -31.08 3.98 -35.49
C GLY C 14 -30.61 2.56 -35.30
N SER C 15 -29.49 2.18 -35.90
CA SER C 15 -28.98 0.82 -35.79
C SER C 15 -27.98 0.75 -34.63
N SER C 16 -27.26 -0.38 -34.53
CA SER C 16 -26.25 -0.57 -33.51
C SER C 16 -24.96 -1.05 -34.17
N VAL C 17 -23.83 -0.57 -33.64
CA VAL C 17 -22.51 -0.89 -34.18
C VAL C 17 -21.61 -1.35 -33.05
N LYS C 18 -20.76 -2.31 -33.35
CA LYS C 18 -19.80 -2.86 -32.38
C LYS C 18 -18.41 -2.84 -32.99
N VAL C 19 -17.42 -2.45 -32.18
CA VAL C 19 -16.02 -2.44 -32.60
C VAL C 19 -15.21 -3.25 -31.61
N SER C 20 -14.26 -4.03 -32.13
CA SER C 20 -13.43 -4.90 -31.32
C SER C 20 -12.05 -4.28 -31.18
N CYS C 21 -11.68 -3.89 -29.96
CA CYS C 21 -10.36 -3.34 -29.67
C CYS C 21 -9.54 -4.41 -28.98
N LYS C 22 -8.92 -5.27 -29.79
CA LYS C 22 -8.13 -6.37 -29.26
C LYS C 22 -6.87 -5.84 -28.58
N ALA C 23 -6.54 -6.44 -27.44
CA ALA C 23 -5.39 -6.03 -26.64
C ALA C 23 -4.44 -7.21 -26.47
N SER C 24 -3.15 -6.94 -26.63
CA SER C 24 -2.14 -7.98 -26.50
C SER C 24 -0.81 -7.33 -26.12
N GLY C 25 0.10 -8.15 -25.60
CA GLY C 25 1.42 -7.70 -25.23
C GLY C 25 1.52 -7.05 -23.85
N TYR C 26 0.45 -7.08 -23.07
CA TYR C 26 0.48 -6.48 -21.73
C TYR C 26 -0.59 -7.17 -20.88
N ALA C 27 -0.62 -6.79 -19.60
CA ALA C 27 -1.59 -7.33 -18.66
C ALA C 27 -2.91 -6.59 -18.85
N PHE C 28 -3.88 -7.27 -19.47
CA PHE C 28 -5.15 -6.63 -19.81
C PHE C 28 -5.91 -6.14 -18.57
N SER C 29 -5.77 -6.84 -17.45
CA SER C 29 -6.51 -6.47 -16.24
C SER C 29 -5.78 -5.42 -15.40
N TYR C 30 -4.59 -4.99 -15.81
CA TYR C 30 -3.79 -4.02 -15.06
C TYR C 30 -3.73 -2.68 -15.78
N SER C 31 -4.80 -2.32 -16.50
CA SER C 31 -4.85 -1.06 -17.22
C SER C 31 -6.30 -0.69 -17.45
N TRP C 32 -6.65 0.57 -17.18
CA TRP C 32 -8.02 1.04 -17.35
C TRP C 32 -8.23 1.41 -18.82
N ILE C 33 -9.22 0.78 -19.46
CA ILE C 33 -9.48 1.03 -20.87
C ILE C 33 -10.21 2.36 -21.01
N ASN C 34 -9.66 3.25 -21.83
CA ASN C 34 -10.25 4.56 -22.09
C ASN C 34 -10.63 4.68 -23.55
N TRP C 35 -11.82 5.21 -23.80
CA TRP C 35 -12.32 5.45 -25.15
C TRP C 35 -12.56 6.93 -25.35
N VAL C 36 -12.00 7.48 -26.44
CA VAL C 36 -12.14 8.88 -26.78
C VAL C 36 -12.60 8.98 -28.23
N ARG C 37 -13.62 9.79 -28.47
CA ARG C 37 -14.18 9.98 -29.80
C ARG C 37 -13.74 11.33 -30.36
N GLN C 38 -13.56 11.38 -31.68
CA GLN C 38 -13.14 12.59 -32.38
C GLN C 38 -14.14 12.85 -33.51
N ALA C 39 -14.83 13.99 -33.44
CA ALA C 39 -15.79 14.35 -34.46
C ALA C 39 -15.29 15.53 -35.27
N PRO C 40 -15.65 15.61 -36.56
CA PRO C 40 -15.26 16.77 -37.37
C PRO C 40 -15.91 18.04 -36.83
N GLY C 41 -15.16 19.14 -36.90
CA GLY C 41 -15.61 20.43 -36.45
C GLY C 41 -15.12 20.83 -35.07
N GLN C 42 -14.66 19.88 -34.27
CA GLN C 42 -14.11 20.17 -32.95
C GLN C 42 -13.07 19.11 -32.61
N GLY C 43 -12.51 19.22 -31.41
CA GLY C 43 -11.47 18.33 -30.95
C GLY C 43 -12.01 17.04 -30.36
N LEU C 44 -11.16 16.37 -29.59
CA LEU C 44 -11.52 15.10 -28.97
C LEU C 44 -12.55 15.33 -27.87
N GLU C 45 -13.23 14.24 -27.50
CA GLU C 45 -14.26 14.29 -26.46
C GLU C 45 -14.35 12.93 -25.80
N TRP C 46 -14.12 12.88 -24.49
CA TRP C 46 -14.21 11.64 -23.74
C TRP C 46 -15.66 11.16 -23.65
N MET C 47 -15.84 9.85 -23.67
CA MET C 47 -17.17 9.24 -23.64
C MET C 47 -17.36 8.23 -22.53
N GLY C 48 -16.33 7.46 -22.18
CA GLY C 48 -16.48 6.48 -21.12
C GLY C 48 -15.17 5.75 -20.88
N ARG C 49 -15.18 4.94 -19.81
CA ARG C 49 -14.03 4.13 -19.43
C ARG C 49 -14.53 2.94 -18.64
N ILE C 50 -13.76 1.85 -18.64
CA ILE C 50 -14.16 0.60 -18.00
C ILE C 50 -12.92 -0.07 -17.41
N PHE C 51 -13.10 -0.74 -16.27
CA PHE C 51 -12.07 -1.55 -15.66
C PHE C 51 -12.50 -3.01 -15.68
N PRO C 52 -11.83 -3.88 -16.43
CA PRO C 52 -12.30 -5.27 -16.54
C PRO C 52 -11.93 -6.14 -15.35
N GLY C 53 -11.03 -5.68 -14.48
CA GLY C 53 -10.64 -6.51 -13.34
C GLY C 53 -11.77 -6.72 -12.35
N ASP C 54 -12.54 -5.68 -12.06
CA ASP C 54 -13.63 -5.75 -11.10
C ASP C 54 -14.98 -5.36 -11.69
N GLY C 55 -15.04 -5.00 -12.96
CA GLY C 55 -16.29 -4.58 -13.57
C GLY C 55 -16.68 -3.15 -13.32
N ASP C 56 -15.85 -2.38 -12.63
CA ASP C 56 -16.16 -0.97 -12.35
C ASP C 56 -16.17 -0.18 -13.66
N THR C 57 -17.16 0.70 -13.79
CA THR C 57 -17.32 1.50 -15.00
C THR C 57 -17.64 2.94 -14.62
N ASP C 58 -17.27 3.86 -15.51
CA ASP C 58 -17.53 5.28 -15.35
C ASP C 58 -18.13 5.82 -16.64
N TYR C 59 -18.96 6.85 -16.51
CA TYR C 59 -19.63 7.46 -17.65
C TYR C 59 -19.47 8.97 -17.60
N ASN C 60 -19.49 9.60 -18.77
CA ASN C 60 -19.37 11.05 -18.84
C ASN C 60 -20.56 11.75 -18.20
N GLY C 61 -21.77 11.20 -18.38
CA GLY C 61 -22.97 11.81 -17.85
C GLY C 61 -23.55 12.92 -18.70
N LYS C 62 -22.93 13.24 -19.84
CA LYS C 62 -23.47 14.27 -20.72
C LYS C 62 -24.84 13.89 -21.27
N PHE C 63 -25.00 12.63 -21.65
CA PHE C 63 -26.26 12.11 -22.17
C PHE C 63 -27.00 11.34 -21.09
N LYS C 64 -28.21 10.90 -21.43
CA LYS C 64 -29.08 10.21 -20.47
C LYS C 64 -28.72 8.71 -20.39
N GLY C 65 -27.44 8.46 -20.14
CA GLY C 65 -26.97 7.10 -19.94
C GLY C 65 -27.15 6.19 -21.14
N ARG C 66 -26.92 6.71 -22.35
CA ARG C 66 -27.03 5.91 -23.55
C ARG C 66 -25.80 5.05 -23.81
N VAL C 67 -24.70 5.31 -23.11
CA VAL C 67 -23.47 4.57 -23.33
C VAL C 67 -23.52 3.26 -22.55
N THR C 68 -23.37 2.14 -23.26
CA THR C 68 -23.32 0.81 -22.66
C THR C 68 -22.02 0.15 -23.09
N ILE C 69 -21.15 -0.12 -22.12
CA ILE C 69 -19.82 -0.67 -22.37
C ILE C 69 -19.61 -1.91 -21.52
N THR C 70 -19.05 -2.96 -22.12
CA THR C 70 -18.76 -4.21 -21.44
C THR C 70 -17.40 -4.72 -21.88
N ALA C 71 -16.80 -5.56 -21.04
CA ALA C 71 -15.50 -6.15 -21.31
C ALA C 71 -15.56 -7.66 -21.06
N ASP C 72 -14.75 -8.39 -21.83
CA ASP C 72 -14.66 -9.83 -21.73
C ASP C 72 -13.25 -10.22 -21.31
N LYS C 73 -13.14 -10.96 -20.20
CA LYS C 73 -11.83 -11.38 -19.71
C LYS C 73 -11.24 -12.53 -20.51
N SER C 74 -12.08 -13.46 -20.98
CA SER C 74 -11.57 -14.64 -21.68
C SER C 74 -10.88 -14.27 -22.98
N THR C 75 -11.29 -13.18 -23.62
CA THR C 75 -10.70 -12.72 -24.86
C THR C 75 -9.84 -11.48 -24.68
N SER C 76 -9.96 -10.77 -23.55
CA SER C 76 -9.24 -9.53 -23.29
C SER C 76 -9.53 -8.49 -24.37
N THR C 77 -10.80 -8.40 -24.78
CA THR C 77 -11.25 -7.45 -25.76
C THR C 77 -12.52 -6.77 -25.28
N ALA C 78 -12.59 -5.45 -25.45
CA ALA C 78 -13.76 -4.67 -25.07
C ALA C 78 -14.63 -4.42 -26.29
N TYR C 79 -15.95 -4.43 -26.10
CA TYR C 79 -16.91 -4.33 -27.18
C TYR C 79 -17.72 -3.04 -27.04
N MET C 80 -18.16 -2.51 -28.17
CA MET C 80 -18.97 -1.29 -28.23
C MET C 80 -20.43 -1.67 -28.43
N GLU C 81 -21.31 -1.06 -27.65
CA GLU C 81 -22.75 -1.30 -27.73
C GLU C 81 -23.47 0.02 -27.53
N LEU C 82 -23.94 0.61 -28.63
CA LEU C 82 -24.71 1.85 -28.59
C LEU C 82 -26.01 1.64 -29.34
N SER C 83 -27.10 2.20 -28.80
CA SER C 83 -28.43 2.00 -29.34
C SER C 83 -28.93 3.28 -29.98
N SER C 84 -29.56 3.14 -31.15
CA SER C 84 -30.19 4.26 -31.87
C SER C 84 -29.18 5.36 -32.17
N LEU C 85 -28.19 5.03 -32.98
CA LEU C 85 -27.19 6.00 -33.39
C LEU C 85 -27.84 7.09 -34.25
N ARG C 86 -27.37 8.31 -34.08
CA ARG C 86 -27.89 9.47 -34.80
C ARG C 86 -26.81 10.03 -35.73
N SER C 87 -27.24 10.93 -36.61
CA SER C 87 -26.31 11.53 -37.57
C SER C 87 -25.22 12.33 -36.88
N GLU C 88 -25.58 13.07 -35.82
CA GLU C 88 -24.62 13.87 -35.10
C GLU C 88 -23.57 13.05 -34.37
N ASP C 89 -23.80 11.74 -34.21
CA ASP C 89 -22.85 10.87 -33.54
C ASP C 89 -21.80 10.29 -34.47
N THR C 90 -21.84 10.65 -35.76
CA THR C 90 -20.85 10.16 -36.72
C THR C 90 -19.47 10.70 -36.38
N ALA C 91 -18.59 9.82 -35.90
CA ALA C 91 -17.25 10.22 -35.49
C ALA C 91 -16.36 8.99 -35.44
N VAL C 92 -15.06 9.24 -35.27
CA VAL C 92 -14.07 8.18 -35.15
C VAL C 92 -13.79 7.96 -33.66
N TYR C 93 -13.68 6.69 -33.26
CA TYR C 93 -13.49 6.33 -31.87
C TYR C 93 -12.13 5.64 -31.70
N TYR C 94 -11.44 6.00 -30.63
CA TYR C 94 -10.12 5.45 -30.32
C TYR C 94 -10.14 4.82 -28.94
N CYS C 95 -9.53 3.65 -28.83
CA CYS C 95 -9.34 2.97 -27.55
C CYS C 95 -7.89 3.11 -27.13
N ALA C 96 -7.67 3.63 -25.93
CA ALA C 96 -6.33 3.94 -25.44
C ALA C 96 -6.07 3.20 -24.13
N ARG C 97 -4.81 2.81 -23.95
CA ARG C 97 -4.37 2.12 -22.73
C ARG C 97 -3.71 3.13 -21.80
N ASN C 98 -4.07 3.08 -20.53
CA ASN C 98 -3.54 3.99 -19.54
C ASN C 98 -2.41 3.32 -18.75
N VAL C 99 -1.48 4.15 -18.27
CA VAL C 99 -0.40 3.72 -17.40
C VAL C 99 -0.51 4.50 -16.10
N PHE C 100 -0.46 3.80 -14.98
CA PHE C 100 -0.64 4.47 -13.70
C PHE C 100 0.63 5.20 -13.30
N ASP C 101 0.48 6.10 -12.32
CA ASP C 101 1.59 6.86 -11.74
C ASP C 101 2.24 7.78 -12.78
N GLY C 102 1.41 8.65 -13.36
CA GLY C 102 1.92 9.75 -14.16
C GLY C 102 1.69 9.67 -15.65
N TYR C 103 1.89 8.50 -16.25
CA TYR C 103 1.76 8.33 -17.70
C TYR C 103 0.29 8.06 -18.03
N TRP C 104 -0.51 9.13 -17.94
CA TRP C 104 -1.96 9.00 -17.94
C TRP C 104 -2.47 8.24 -19.16
N LEU C 105 -2.27 8.79 -20.35
CA LEU C 105 -2.79 8.17 -21.57
C LEU C 105 -1.69 8.22 -22.65
N VAL C 106 -0.50 7.74 -22.28
CA VAL C 106 0.63 7.78 -23.20
C VAL C 106 0.39 6.88 -24.40
N TYR C 107 -0.27 5.75 -24.19
CA TYR C 107 -0.49 4.77 -25.24
C TYR C 107 -1.84 5.00 -25.89
N TRP C 108 -1.86 5.09 -27.21
CA TRP C 108 -3.06 5.30 -28.00
C TRP C 108 -3.39 4.03 -28.79
N GLY C 109 -4.52 4.10 -29.51
CA GLY C 109 -4.94 3.02 -30.38
C GLY C 109 -5.02 3.45 -31.84
N GLN C 110 -5.20 2.45 -32.70
CA GLN C 110 -5.32 2.72 -34.14
C GLN C 110 -6.59 3.52 -34.44
N GLY C 111 -7.69 3.19 -33.80
CA GLY C 111 -8.92 3.91 -34.02
C GLY C 111 -9.78 3.30 -35.11
N THR C 112 -11.09 3.54 -35.01
CA THR C 112 -12.05 3.02 -35.97
C THR C 112 -13.13 4.08 -36.19
N LEU C 113 -13.39 4.41 -37.45
CA LEU C 113 -14.39 5.41 -37.78
C LEU C 113 -15.71 4.74 -38.17
N VAL C 114 -16.82 5.37 -37.78
CA VAL C 114 -18.14 4.86 -38.08
C VAL C 114 -18.95 5.97 -38.74
N THR C 115 -19.70 5.62 -39.78
CA THR C 115 -20.53 6.57 -40.50
C THR C 115 -21.95 6.01 -40.58
N VAL C 116 -22.93 6.85 -40.25
CA VAL C 116 -24.33 6.45 -40.30
C VAL C 116 -25.12 7.40 -41.19
N ASP D 1 -19.44 21.18 -16.88
CA ASP D 1 -18.12 20.57 -16.79
C ASP D 1 -17.02 21.62 -16.80
N ILE D 2 -15.90 21.30 -17.45
CA ILE D 2 -14.75 22.20 -17.54
C ILE D 2 -14.49 22.49 -19.02
N VAL D 3 -14.39 23.77 -19.36
CA VAL D 3 -14.19 24.19 -20.75
C VAL D 3 -12.85 24.90 -20.84
N MET D 4 -12.08 24.57 -21.89
CA MET D 4 -10.79 25.19 -22.15
C MET D 4 -10.88 26.04 -23.40
N THR D 5 -10.18 27.17 -23.40
CA THR D 5 -10.10 28.06 -24.56
C THR D 5 -8.63 28.27 -24.92
N GLN D 6 -8.35 28.20 -26.22
CA GLN D 6 -6.99 28.35 -26.73
C GLN D 6 -6.96 29.41 -27.82
N THR D 7 -5.78 30.02 -27.99
CA THR D 7 -5.59 31.07 -28.98
C THR D 7 -4.10 31.12 -29.33
N PRO D 8 -3.75 31.43 -30.59
CA PRO D 8 -4.65 31.65 -31.73
C PRO D 8 -5.25 30.37 -32.29
N LEU D 9 -6.37 30.51 -33.00
CA LEU D 9 -7.03 29.33 -33.57
C LEU D 9 -6.25 28.78 -34.75
N SER D 10 -5.65 29.65 -35.56
CA SER D 10 -4.95 29.25 -36.77
C SER D 10 -3.44 29.14 -36.56
N LEU D 11 -2.80 30.25 -36.16
CA LEU D 11 -1.36 30.32 -35.94
C LEU D 11 -0.60 29.77 -37.14
N PRO D 12 -0.53 30.51 -38.25
CA PRO D 12 0.16 30.00 -39.44
C PRO D 12 1.61 29.65 -39.15
N VAL D 13 2.08 28.58 -39.80
CA VAL D 13 3.41 28.06 -39.53
C VAL D 13 4.47 29.04 -40.02
N THR D 14 5.47 29.28 -39.18
CA THR D 14 6.63 30.10 -39.52
C THR D 14 7.83 29.59 -38.72
N PRO D 15 8.82 29.00 -39.38
CA PRO D 15 9.90 28.34 -38.64
C PRO D 15 10.72 29.31 -37.81
N GLY D 16 11.18 28.83 -36.65
CA GLY D 16 12.15 29.51 -35.83
C GLY D 16 11.63 30.49 -34.80
N GLU D 17 11.21 31.68 -35.24
CA GLU D 17 10.92 32.76 -34.29
C GLU D 17 9.57 32.58 -33.59
N PRO D 18 8.43 32.53 -34.32
CA PRO D 18 7.13 32.54 -33.62
C PRO D 18 6.66 31.14 -33.24
N ALA D 19 6.51 30.91 -31.93
CA ALA D 19 5.97 29.64 -31.45
C ALA D 19 5.40 29.87 -30.05
N SER D 20 4.08 29.87 -29.94
CA SER D 20 3.42 30.11 -28.65
C SER D 20 2.01 29.54 -28.70
N ILE D 21 1.73 28.56 -27.85
CA ILE D 21 0.41 27.97 -27.71
C ILE D 21 -0.05 28.20 -26.28
N SER D 22 -1.24 28.79 -26.13
CA SER D 22 -1.78 29.14 -24.82
C SER D 22 -3.13 28.46 -24.61
N CYS D 23 -3.30 27.87 -23.43
CA CYS D 23 -4.58 27.30 -23.02
C CYS D 23 -4.85 27.68 -21.58
N ARG D 24 -6.13 27.72 -21.22
CA ARG D 24 -6.54 28.11 -19.88
C ARG D 24 -7.70 27.25 -19.42
N SER D 25 -7.87 27.17 -18.11
CA SER D 25 -8.96 26.42 -17.50
C SER D 25 -9.87 27.38 -16.73
N SER D 26 -11.18 27.16 -16.85
CA SER D 26 -12.15 28.04 -16.23
C SER D 26 -12.39 27.72 -14.76
N LYS D 27 -11.87 26.60 -14.25
CA LYS D 27 -12.09 26.21 -12.86
C LYS D 27 -10.86 26.39 -11.98
N SER D 28 -9.81 27.03 -12.50
CA SER D 28 -8.57 27.27 -11.76
C SER D 28 -7.99 25.96 -11.22
N LEU D 29 -7.58 25.12 -12.17
CA LEU D 29 -7.14 23.76 -11.88
C LEU D 29 -5.98 23.75 -10.88
N LEU D 30 -6.25 23.24 -9.67
CA LEU D 30 -5.24 23.13 -8.62
C LEU D 30 -5.73 22.21 -7.52
N HIS D 31 -4.95 21.18 -7.19
CA HIS D 31 -5.30 20.23 -6.14
C HIS D 31 -4.57 20.50 -4.83
N SER D 32 -3.90 21.65 -4.72
CA SER D 32 -3.16 22.05 -3.53
C SER D 32 -2.04 21.07 -3.18
N ASN D 33 -1.61 20.26 -4.14
CA ASN D 33 -0.51 19.32 -3.93
C ASN D 33 0.83 19.88 -4.40
N GLY D 34 0.85 21.12 -4.90
CA GLY D 34 2.07 21.73 -5.39
C GLY D 34 2.34 21.50 -6.87
N ILE D 35 1.57 20.66 -7.53
CA ILE D 35 1.73 20.38 -8.95
C ILE D 35 0.37 20.50 -9.63
N THR D 36 0.39 20.77 -10.94
CA THR D 36 -0.81 20.87 -11.73
C THR D 36 -0.69 19.97 -12.96
N TYR D 37 -1.75 19.20 -13.23
CA TYR D 37 -1.73 18.25 -14.33
C TYR D 37 -2.02 18.96 -15.65
N LEU D 38 -1.23 18.62 -16.68
CA LEU D 38 -1.41 19.19 -18.00
C LEU D 38 -0.85 18.21 -19.03
N TYR D 39 -1.54 18.07 -20.17
CA TYR D 39 -1.12 17.17 -21.21
C TYR D 39 -1.27 17.84 -22.57
N TRP D 40 -0.39 17.47 -23.50
CA TRP D 40 -0.37 18.04 -24.84
C TRP D 40 -0.38 16.92 -25.87
N TYR D 41 -1.19 17.11 -26.92
CA TYR D 41 -1.35 16.11 -27.97
C TYR D 41 -1.04 16.73 -29.33
N LEU D 42 -0.52 15.92 -30.24
CA LEU D 42 -0.23 16.33 -31.60
C LEU D 42 -0.94 15.40 -32.57
N GLN D 43 -1.78 15.96 -33.43
CA GLN D 43 -2.57 15.19 -34.39
C GLN D 43 -2.09 15.51 -35.81
N LYS D 44 -1.07 14.78 -36.25
CA LYS D 44 -0.86 14.98 -37.68
C LYS D 44 -1.27 13.75 -38.46
N PRO D 45 -1.91 13.93 -39.62
CA PRO D 45 -2.42 12.79 -40.38
C PRO D 45 -1.31 11.84 -40.80
N GLY D 46 -1.60 10.55 -40.77
CA GLY D 46 -0.65 9.54 -41.17
C GLY D 46 -0.39 8.49 -40.12
N GLN D 47 -0.61 8.82 -38.85
CA GLN D 47 -0.33 7.91 -37.75
C GLN D 47 -1.30 8.20 -36.60
N SER D 48 -1.34 7.29 -35.64
CA SER D 48 -2.20 7.43 -34.48
C SER D 48 -1.67 8.52 -33.56
N PRO D 49 -2.54 9.09 -32.70
CA PRO D 49 -2.08 10.11 -31.75
C PRO D 49 -1.03 9.57 -30.80
N GLN D 50 -0.28 10.51 -30.22
CA GLN D 50 0.77 10.18 -29.27
C GLN D 50 0.88 11.28 -28.22
N LEU D 51 1.36 10.91 -27.04
CA LEU D 51 1.56 11.86 -25.96
C LEU D 51 2.80 12.71 -26.21
N LEU D 52 2.72 13.99 -25.81
CA LEU D 52 3.83 14.92 -25.98
C LEU D 52 4.43 15.36 -24.65
N ILE D 53 3.61 15.91 -23.75
CA ILE D 53 4.08 16.46 -22.48
C ILE D 53 3.12 16.03 -21.38
N TYR D 54 3.66 15.64 -20.24
CA TYR D 54 2.88 15.15 -19.11
C TYR D 54 3.14 16.00 -17.87
N GLN D 55 2.07 16.58 -17.32
CA GLN D 55 2.10 17.60 -16.25
C GLN D 55 3.27 18.57 -16.39
N MET D 56 3.53 19.00 -17.63
CA MET D 56 4.43 20.10 -17.99
C MET D 56 5.72 20.13 -17.17
N SER D 57 6.29 18.96 -16.88
CA SER D 57 7.54 18.87 -16.15
C SER D 57 8.61 18.05 -16.85
N ASN D 58 8.24 17.02 -17.61
CA ASN D 58 9.19 16.21 -18.36
C ASN D 58 8.54 15.77 -19.66
N LEU D 59 9.32 15.13 -20.52
CA LEU D 59 8.86 14.72 -21.84
C LEU D 59 9.22 13.26 -22.07
N VAL D 60 8.36 12.59 -22.84
CA VAL D 60 8.57 11.19 -23.18
C VAL D 60 9.77 11.07 -24.12
N SER D 61 10.53 9.99 -23.97
CA SER D 61 11.72 9.78 -24.80
C SER D 61 11.33 9.70 -26.27
N GLY D 62 12.21 10.22 -27.12
CA GLY D 62 11.95 10.32 -28.54
C GLY D 62 11.36 11.65 -28.97
N VAL D 63 11.01 12.52 -28.04
CA VAL D 63 10.46 13.84 -28.34
C VAL D 63 11.56 14.69 -28.97
N PRO D 64 11.25 15.62 -29.87
CA PRO D 64 12.26 16.57 -30.33
C PRO D 64 12.84 17.36 -29.16
N ASP D 65 14.15 17.62 -29.25
CA ASP D 65 14.84 18.27 -28.14
C ASP D 65 14.40 19.71 -27.93
N ARG D 66 14.07 20.41 -29.02
CA ARG D 66 13.68 21.82 -28.92
C ARG D 66 12.21 21.97 -28.52
N PHE D 67 11.81 21.30 -27.44
CA PHE D 67 10.47 21.41 -26.90
C PHE D 67 10.53 21.73 -25.41
N SER D 68 9.53 22.45 -24.94
CA SER D 68 9.46 22.88 -23.54
C SER D 68 8.00 23.12 -23.18
N GLY D 69 7.78 23.74 -22.02
CA GLY D 69 6.44 24.03 -21.56
C GLY D 69 6.38 24.30 -20.07
N SER D 70 5.55 25.26 -19.67
CA SER D 70 5.43 25.64 -18.27
C SER D 70 4.07 26.29 -18.05
N GLY D 71 3.76 26.59 -16.80
CA GLY D 71 2.50 27.23 -16.46
C GLY D 71 2.53 27.75 -15.04
N SER D 72 1.52 28.56 -14.72
CA SER D 72 1.41 29.17 -13.40
C SER D 72 0.29 28.58 -12.55
N GLY D 73 -0.75 28.04 -13.16
CA GLY D 73 -1.86 27.47 -12.42
C GLY D 73 -3.21 27.84 -12.99
N THR D 74 -3.30 29.03 -13.60
CA THR D 74 -4.52 29.51 -14.23
C THR D 74 -4.43 29.60 -15.74
N ASP D 75 -3.36 30.19 -16.27
CA ASP D 75 -3.13 30.29 -17.70
C ASP D 75 -1.87 29.49 -18.04
N PHE D 76 -1.99 28.61 -19.04
CA PHE D 76 -0.91 27.71 -19.44
C PHE D 76 -0.41 28.10 -20.82
N THR D 77 0.90 28.20 -20.97
CA THR D 77 1.52 28.60 -22.22
C THR D 77 2.52 27.54 -22.67
N LEU D 78 2.54 27.26 -23.97
CA LEU D 78 3.47 26.32 -24.57
C LEU D 78 4.42 27.10 -25.48
N LYS D 79 5.72 26.94 -25.25
CA LYS D 79 6.74 27.65 -26.01
C LYS D 79 7.67 26.66 -26.69
N ILE D 80 7.98 26.91 -27.96
CA ILE D 80 8.92 26.12 -28.73
C ILE D 80 10.05 27.03 -29.19
N SER D 81 11.29 26.61 -28.92
CA SER D 81 12.45 27.43 -29.29
C SER D 81 12.54 27.57 -30.81
N ARG D 82 12.31 26.49 -31.54
CA ARG D 82 12.42 26.51 -33.00
C ARG D 82 11.42 25.50 -33.56
N VAL D 83 10.30 25.99 -34.08
CA VAL D 83 9.29 25.13 -34.67
C VAL D 83 9.74 24.70 -36.06
N GLU D 84 9.43 23.45 -36.41
CA GLU D 84 9.81 22.88 -37.69
C GLU D 84 8.58 22.36 -38.41
N ALA D 85 8.71 22.20 -39.73
CA ALA D 85 7.59 21.73 -40.54
C ALA D 85 7.34 20.24 -40.38
N GLU D 86 8.32 19.48 -39.88
CA GLU D 86 8.14 18.04 -39.71
C GLU D 86 7.09 17.75 -38.63
N ASP D 87 7.20 18.42 -37.49
CA ASP D 87 6.27 18.22 -36.38
C ASP D 87 5.12 19.23 -36.43
N VAL D 88 4.42 19.28 -37.55
CA VAL D 88 3.30 20.19 -37.74
C VAL D 88 2.02 19.45 -37.36
N GLY D 89 1.09 20.19 -36.76
CA GLY D 89 -0.17 19.60 -36.34
C GLY D 89 -0.93 20.54 -35.43
N VAL D 90 -1.86 19.97 -34.68
CA VAL D 90 -2.69 20.73 -33.74
C VAL D 90 -2.22 20.41 -32.33
N TYR D 91 -2.52 21.32 -31.41
CA TYR D 91 -2.15 21.18 -30.01
C TYR D 91 -3.41 21.07 -29.16
N TYR D 92 -3.48 20.02 -28.34
CA TYR D 92 -4.61 19.78 -27.46
C TYR D 92 -4.18 19.96 -26.01
N CYS D 93 -4.91 20.78 -25.27
CA CYS D 93 -4.68 20.97 -23.84
C CYS D 93 -5.73 20.18 -23.06
N ALA D 94 -5.28 19.41 -22.08
CA ALA D 94 -6.16 18.48 -21.36
C ALA D 94 -5.96 18.64 -19.86
N GLN D 95 -7.05 18.42 -19.12
CA GLN D 95 -7.02 18.42 -17.66
C GLN D 95 -7.75 17.18 -17.16
N ASN D 96 -7.15 16.51 -16.18
CA ASN D 96 -7.71 15.29 -15.59
C ASN D 96 -7.70 15.39 -14.07
N LEU D 97 -8.75 15.99 -13.52
CA LEU D 97 -8.92 16.06 -12.07
C LEU D 97 -10.33 15.72 -11.58
N GLU D 98 -11.33 15.72 -12.44
CA GLU D 98 -12.69 15.34 -12.04
C GLU D 98 -13.49 14.99 -13.28
N LEU D 99 -14.44 14.07 -13.10
CA LEU D 99 -15.31 13.65 -14.18
C LEU D 99 -16.35 14.73 -14.47
N PRO D 100 -16.79 14.86 -15.74
CA PRO D 100 -16.28 14.10 -16.89
C PRO D 100 -15.01 14.72 -17.48
N TYR D 101 -14.19 13.89 -18.13
CA TYR D 101 -13.01 14.41 -18.82
C TYR D 101 -13.43 15.23 -20.02
N THR D 102 -12.77 16.37 -20.21
CA THR D 102 -13.02 17.25 -21.34
C THR D 102 -11.70 17.58 -22.02
N PHE D 103 -11.72 17.61 -23.34
CA PHE D 103 -10.54 17.86 -24.14
C PHE D 103 -10.65 19.21 -24.83
N GLY D 104 -9.50 19.81 -25.12
CA GLY D 104 -9.48 21.13 -25.73
C GLY D 104 -9.98 21.12 -27.16
N GLY D 105 -10.39 22.31 -27.62
CA GLY D 105 -10.90 22.43 -28.97
C GLY D 105 -9.83 22.30 -30.04
N GLY D 106 -8.59 22.61 -29.69
CA GLY D 106 -7.49 22.47 -30.64
C GLY D 106 -7.25 23.71 -31.46
N THR D 107 -6.03 23.83 -31.98
CA THR D 107 -5.63 24.95 -32.83
C THR D 107 -5.15 24.39 -34.16
N LYS D 108 -5.95 24.58 -35.20
CA LYS D 108 -5.62 24.07 -36.53
C LYS D 108 -4.48 24.88 -37.13
N VAL D 109 -3.30 24.27 -37.24
CA VAL D 109 -2.12 24.93 -37.78
C VAL D 109 -1.85 24.37 -39.17
N GLU D 110 -1.76 25.25 -40.15
CA GLU D 110 -1.49 24.85 -41.53
C GLU D 110 -0.18 25.44 -42.04
#